data_6O9Y
#
_entry.id   6O9Y
#
_cell.length_a   44.691
_cell.length_b   65.993
_cell.length_c   88.591
_cell.angle_alpha   90.00
_cell.angle_beta   95.23
_cell.angle_gamma   90.00
#
_symmetry.space_group_name_H-M   'P 1 21 1'
#
loop_
_entity.id
_entity.type
_entity.pdbx_description
1 polymer 'Poly(ADP-ribose) glycohydrolase'
2 non-polymer 7-[(2S)-2-hydroxy-3-(morpholin-4-yl)propyl]-1,3-dimethyl-3,7-dihydro-1H-purine-2,6-dione
3 water water
#
_entity_poly.entity_id   1
_entity_poly.type   'polypeptide(L)'
_entity_poly.pdbx_seq_one_letter_code
;GPHMSPDKKWLGTPIEEMRRMPRCGIRLPLLRPSANHTVTIRVDLLRAGEVPKPFPTHYKDLWDNKHVKMPCSEQNLYPV
EDENGERTAGSRWELIQTALLNKFTRPQNLKDAILKYNVAYSKKWDFTALIDFWDKVLEEAEAQHLYQSILPDMVKIALC
LPNICTQPIPLLAAAMNHSITMSQEQIASLLANAFFCTFPRRNAKMKSEYSSYPDINFNRLFEGRSSRKPEKLKTLFCYF
RRVTAAAPTGLVTFTRQSLEDFPEWERCEKPLTRLHVTYEGTIEENGQGMLQVDFANRFVGGGVTSAGLVQEEIRFLINP
ELIISRLFTEVLDHNECLIITGTEQYSEYTGYAETYRWSRSHEDGSERDDWQRRCTEIVAIDALHFRRYLDQFVPEKMRR
ELNKAYCGFLRPGVSSENLSAVATGNWGCGAFGGDARLKALIQILAAAAAERDVVYFTFGDSELMRDIYSMHIFLTERKL
TVGDVYKLLLRYYNEECRNCSTPGPDIKLYPFIYHAVESCAETADHSGQRTGT
;
_entity_poly.pdbx_strand_id   A
#
loop_
_chem_comp.id
_chem_comp.type
_chem_comp.name
_chem_comp.formula
M0V non-polymer 7-[(2S)-2-hydroxy-3-(morpholin-4-yl)propyl]-1,3-dimethyl-3,7-dihydro-1H-purine-2,6-dione 'C14 H21 N5 O4'
#
# COMPACT_ATOMS: atom_id res chain seq x y z
N ASP A 7 -29.73 -2.87 -16.04
CA ASP A 7 -29.83 -1.49 -15.44
C ASP A 7 -28.87 -1.39 -14.25
N LYS A 8 -29.09 -2.23 -13.22
CA LYS A 8 -28.52 -2.14 -11.81
C LYS A 8 -26.99 -2.22 -11.81
N LYS A 9 -26.35 -1.16 -11.29
CA LYS A 9 -24.91 -1.06 -11.26
C LYS A 9 -24.31 -1.62 -9.94
N TRP A 10 -25.17 -1.80 -8.92
CA TRP A 10 -24.81 -2.23 -7.58
C TRP A 10 -26.03 -2.95 -6.96
N LEU A 11 -25.73 -3.80 -5.98
CA LEU A 11 -26.71 -4.56 -5.27
C LEU A 11 -26.33 -4.53 -3.79
N GLY A 12 -27.32 -4.72 -2.91
CA GLY A 12 -27.16 -4.93 -1.46
C GLY A 12 -27.55 -3.69 -0.66
N THR A 13 -26.87 -3.47 0.45
CA THR A 13 -27.00 -2.25 1.22
C THR A 13 -26.47 -1.07 0.40
N PRO A 14 -27.23 0.04 0.32
CA PRO A 14 -26.75 1.25 -0.34
C PRO A 14 -25.40 1.64 0.26
N ILE A 15 -24.51 2.12 -0.58
CA ILE A 15 -23.16 2.58 -0.12
C ILE A 15 -23.32 3.78 0.85
N GLU A 16 -24.36 4.56 0.63
CA GLU A 16 -24.72 5.69 1.44
C GLU A 16 -24.92 5.30 2.91
N GLU A 17 -25.23 4.02 3.16
CA GLU A 17 -25.53 3.61 4.49
C GLU A 17 -24.30 3.03 5.18
N MET A 18 -23.14 3.02 4.49
CA MET A 18 -21.94 2.42 5.02
C MET A 18 -21.14 3.47 5.81
N ARG A 19 -20.53 3.05 6.92
CA ARG A 19 -19.74 3.94 7.76
C ARG A 19 -18.45 4.35 7.04
N ARG A 20 -18.12 5.64 7.19
CA ARG A 20 -16.95 6.29 6.64
C ARG A 20 -16.37 7.28 7.67
N MET A 21 -15.03 7.48 7.59
CA MET A 21 -14.28 8.55 8.23
C MET A 21 -14.40 9.82 7.39
N PRO A 22 -14.34 11.01 8.02
CA PRO A 22 -14.20 11.19 9.45
C PRO A 22 -15.48 10.99 10.29
N ARG A 23 -16.64 10.87 9.65
CA ARG A 23 -17.91 10.92 10.38
C ARG A 23 -17.93 9.75 11.39
N CYS A 24 -17.40 8.59 11.09
CA CYS A 24 -17.63 7.44 12.01
C CYS A 24 -16.58 7.42 13.10
N GLY A 25 -15.58 8.28 12.98
CA GLY A 25 -14.35 8.13 13.69
C GLY A 25 -14.50 8.47 15.15
N ILE A 26 -13.60 7.91 15.94
CA ILE A 26 -13.50 8.19 17.39
C ILE A 26 -12.70 9.49 17.57
N ARG A 27 -12.84 10.15 18.71
CA ARG A 27 -11.97 11.25 19.03
C ARG A 27 -10.58 10.67 19.26
N LEU A 28 -9.58 11.17 18.53
CA LEU A 28 -8.24 10.66 18.67
C LEU A 28 -7.69 11.06 20.03
N PRO A 29 -6.88 10.22 20.73
CA PRO A 29 -6.14 10.70 21.88
C PRO A 29 -5.07 11.68 21.41
N LEU A 30 -4.45 12.37 22.35
CA LEU A 30 -3.48 13.42 21.97
C LEU A 30 -2.27 12.71 21.36
N LEU A 31 -1.78 13.24 20.24
CA LEU A 31 -0.61 12.66 19.58
C LEU A 31 0.61 12.77 20.50
N ARG A 32 1.21 11.65 20.90
CA ARG A 32 2.44 11.68 21.64
C ARG A 32 3.27 10.42 21.38
N PRO A 33 4.61 10.57 21.39
CA PRO A 33 5.52 9.47 21.22
C PRO A 33 5.45 8.57 22.48
N SER A 34 5.59 7.27 22.25
CA SER A 34 5.60 6.21 23.28
C SER A 34 6.54 5.10 22.79
N ALA A 35 6.71 4.06 23.60
CA ALA A 35 7.62 3.00 23.21
C ALA A 35 7.16 2.37 21.89
N ASN A 36 5.87 2.42 21.57
CA ASN A 36 5.37 1.71 20.39
C ASN A 36 4.90 2.71 19.32
N HIS A 37 5.23 4.01 19.51
CA HIS A 37 4.81 5.03 18.60
C HIS A 37 5.93 6.06 18.44
N THR A 38 6.59 6.08 17.27
CA THR A 38 7.56 7.05 16.93
C THR A 38 6.86 8.22 16.24
N VAL A 39 7.12 9.43 16.70
CA VAL A 39 6.50 10.63 16.21
C VAL A 39 7.64 11.57 15.91
N THR A 40 7.74 12.01 14.65
CA THR A 40 8.96 12.66 14.21
C THR A 40 8.80 14.18 14.07
N ILE A 41 7.71 14.73 14.61
CA ILE A 41 7.39 16.16 14.54
C ILE A 41 7.01 16.66 15.94
N ARG A 42 7.08 17.99 16.07
CA ARG A 42 6.69 18.79 17.27
C ARG A 42 5.16 18.82 17.39
N VAL A 43 4.65 17.98 18.26
CA VAL A 43 3.23 17.79 18.46
C VAL A 43 2.64 19.05 19.07
N ASP A 44 3.46 19.73 19.88
CA ASP A 44 3.00 20.94 20.56
C ASP A 44 2.80 22.01 19.48
N LEU A 45 3.40 21.86 18.30
CA LEU A 45 3.33 22.92 17.24
C LEU A 45 2.46 22.49 16.06
N LEU A 46 1.79 21.35 16.15
CA LEU A 46 1.08 20.86 15.02
C LEU A 46 -0.17 21.72 14.90
N ARG A 47 -0.36 22.33 13.74
CA ARG A 47 -1.51 23.16 13.49
C ARG A 47 -1.92 23.00 12.03
N ALA A 48 -3.25 23.07 11.85
CA ALA A 48 -3.85 22.88 10.53
C ALA A 48 -3.33 23.99 9.61
N GLY A 49 -2.92 23.60 8.40
CA GLY A 49 -2.49 24.53 7.43
C GLY A 49 -1.02 24.94 7.56
N GLU A 50 -0.30 24.44 8.57
CA GLU A 50 1.12 24.79 8.73
C GLU A 50 1.99 23.56 8.51
N VAL A 51 3.18 23.80 7.93
CA VAL A 51 4.18 22.76 7.76
C VAL A 51 4.65 22.32 9.14
N PRO A 52 4.62 21.02 9.47
CA PRO A 52 5.06 20.57 10.78
C PRO A 52 6.56 20.79 10.95
N LYS A 53 6.93 21.02 12.20
CA LYS A 53 8.32 21.28 12.55
C LYS A 53 8.93 19.95 12.98
N PRO A 54 10.09 19.54 12.44
CA PRO A 54 10.73 18.32 12.90
C PRO A 54 11.03 18.30 14.41
N PHE A 55 10.89 17.12 15.03
CA PHE A 55 11.48 16.83 16.39
C PHE A 55 12.40 15.59 16.28
N PRO A 56 13.66 15.71 16.72
CA PRO A 56 14.17 16.86 17.45
C PRO A 56 14.65 17.99 16.52
N THR A 57 15.16 19.09 17.12
CA THR A 57 15.65 20.24 16.32
C THR A 57 16.94 19.90 15.54
N HIS A 58 17.87 19.18 16.13
CA HIS A 58 19.07 18.86 15.44
C HIS A 58 19.05 17.40 15.01
N TYR A 59 19.74 17.11 13.91
CA TYR A 59 19.87 15.80 13.39
C TYR A 59 20.49 14.88 14.45
N LYS A 60 19.90 13.71 14.62
CA LYS A 60 20.47 12.63 15.44
C LYS A 60 20.53 11.37 14.57
N ASP A 61 21.62 10.61 14.74
CA ASP A 61 21.95 9.54 13.84
C ASP A 61 21.97 8.22 14.62
N LEU A 62 21.33 7.19 14.02
CA LEU A 62 21.50 5.79 14.43
C LEU A 62 21.84 4.97 13.17
N TRP A 63 22.91 4.20 13.27
CA TRP A 63 23.40 3.32 12.22
C TRP A 63 23.53 1.93 12.82
N ASP A 64 22.48 1.10 12.76
CA ASP A 64 22.42 -0.20 13.44
C ASP A 64 21.33 -1.00 12.71
N ASN A 65 21.05 -2.22 13.17
CA ASN A 65 20.16 -3.10 12.45
C ASN A 65 18.74 -2.95 12.95
N LYS A 66 18.44 -1.86 13.67
CA LYS A 66 17.06 -1.63 14.14
C LYS A 66 16.47 -0.33 13.56
N HIS A 67 17.27 0.43 12.80
CA HIS A 67 16.78 1.71 12.28
C HIS A 67 17.17 1.85 10.81
N VAL A 68 16.50 2.77 10.12
CA VAL A 68 16.87 3.11 8.77
C VAL A 68 18.33 3.58 8.80
N LYS A 69 19.16 3.13 7.87
CA LYS A 69 20.47 3.76 7.61
C LYS A 69 20.34 4.96 6.64
N MET A 70 20.42 6.18 7.21
CA MET A 70 20.21 7.43 6.48
C MET A 70 21.43 7.71 5.61
N PRO A 71 21.24 8.22 4.39
CA PRO A 71 22.38 8.51 3.55
C PRO A 71 23.21 9.68 4.08
N CYS A 72 22.60 10.55 4.90
CA CYS A 72 23.36 11.66 5.50
C CYS A 72 24.12 11.25 6.76
N SER A 73 24.04 9.99 7.17
CA SER A 73 24.81 9.50 8.33
C SER A 73 26.31 9.72 8.08
N GLU A 74 27.06 10.08 9.12
CA GLU A 74 28.53 10.16 9.00
C GLU A 74 29.14 8.78 8.90
N GLN A 75 28.34 7.74 9.20
CA GLN A 75 28.80 6.40 9.04
C GLN A 75 28.64 5.91 7.61
N ASN A 76 28.03 6.71 6.74
CA ASN A 76 27.89 6.30 5.33
C ASN A 76 29.18 6.74 4.62
N LEU A 77 30.07 5.77 4.35
CA LEU A 77 31.43 6.02 3.89
C LEU A 77 31.64 5.37 2.52
N TYR A 78 32.73 5.78 1.85
CA TYR A 78 33.14 5.22 0.55
C TYR A 78 34.67 5.29 0.44
N PRO A 79 35.30 4.30 -0.23
CA PRO A 79 36.76 4.25 -0.31
C PRO A 79 37.40 5.35 -1.19
N VAL A 80 38.38 6.07 -0.64
CA VAL A 80 39.15 7.11 -1.40
C VAL A 80 40.56 6.61 -1.71
N THR A 88 41.57 4.74 2.86
CA THR A 88 40.99 6.01 3.36
C THR A 88 39.47 6.02 3.08
N ALA A 89 38.68 6.39 4.10
CA ALA A 89 37.23 6.49 3.99
C ALA A 89 36.86 7.97 3.76
N GLY A 90 35.95 8.26 2.82
CA GLY A 90 35.38 9.58 2.67
C GLY A 90 33.90 9.54 3.02
N SER A 91 33.29 10.73 3.15
CA SER A 91 31.88 10.86 3.47
C SER A 91 31.02 10.73 2.20
N ARG A 92 30.24 9.64 2.08
CA ARG A 92 29.41 9.42 0.94
C ARG A 92 28.37 10.52 0.82
N TRP A 93 27.95 11.02 1.98
CA TRP A 93 26.98 12.13 1.95
C TRP A 93 27.56 13.33 1.22
N GLU A 94 28.82 13.68 1.53
CA GLU A 94 29.54 14.77 0.82
C GLU A 94 29.68 14.42 -0.67
N LEU A 95 29.96 13.15 -0.96
CA LEU A 95 30.00 12.73 -2.36
C LEU A 95 28.63 12.91 -3.07
N ILE A 96 27.52 12.57 -2.38
CA ILE A 96 26.19 12.69 -2.96
C ILE A 96 25.90 14.18 -3.29
N GLN A 97 26.23 15.09 -2.36
CA GLN A 97 26.06 16.51 -2.56
C GLN A 97 26.83 16.98 -3.79
N THR A 98 28.12 16.61 -3.85
CA THR A 98 28.94 16.98 -4.97
C THR A 98 28.31 16.43 -6.29
N ALA A 99 27.93 15.17 -6.30
CA ALA A 99 27.40 14.61 -7.53
C ALA A 99 26.09 15.30 -7.95
N LEU A 100 25.17 15.60 -7.02
CA LEU A 100 23.80 16.01 -7.41
C LEU A 100 23.67 17.52 -7.68
N LEU A 101 24.61 18.30 -7.15
CA LEU A 101 24.65 19.77 -7.29
C LEU A 101 25.40 20.11 -8.58
N ASN A 102 24.93 19.58 -9.69
CA ASN A 102 25.34 19.89 -11.02
C ASN A 102 24.10 20.16 -11.86
N LYS A 103 24.22 21.05 -12.86
CA LYS A 103 23.23 21.20 -13.93
C LYS A 103 23.04 19.83 -14.59
N PHE A 104 21.78 19.41 -14.77
CA PHE A 104 21.51 18.42 -15.75
C PHE A 104 20.88 19.13 -16.95
N THR A 105 21.38 18.79 -18.16
CA THR A 105 20.70 19.20 -19.40
C THR A 105 20.37 18.01 -20.31
N ARG A 106 20.87 16.80 -19.99
CA ARG A 106 20.56 15.60 -20.71
C ARG A 106 20.53 14.41 -19.76
N PRO A 107 19.82 13.31 -20.13
CA PRO A 107 19.57 12.20 -19.22
C PRO A 107 20.85 11.51 -18.76
N GLN A 108 21.80 11.37 -19.67
CA GLN A 108 23.16 10.88 -19.31
C GLN A 108 23.75 11.64 -18.10
N ASN A 109 23.50 12.95 -17.96
CA ASN A 109 24.07 13.70 -16.89
C ASN A 109 23.51 13.21 -15.55
N LEU A 110 22.22 12.84 -15.51
CA LEU A 110 21.59 12.39 -14.30
C LEU A 110 22.06 10.97 -13.97
N LYS A 111 22.17 10.13 -14.99
CA LYS A 111 22.76 8.82 -14.82
C LYS A 111 24.17 8.92 -14.21
N ASP A 112 25.04 9.72 -14.85
CA ASP A 112 26.41 9.83 -14.37
C ASP A 112 26.40 10.32 -12.91
N ALA A 113 25.52 11.28 -12.56
CA ALA A 113 25.46 11.80 -11.18
C ALA A 113 25.11 10.68 -10.19
N ILE A 114 24.06 9.90 -10.49
CA ILE A 114 23.63 8.84 -9.60
C ILE A 114 24.74 7.79 -9.43
N LEU A 115 25.41 7.43 -10.54
CA LEU A 115 26.43 6.41 -10.46
C LEU A 115 27.67 6.84 -9.68
N LYS A 116 27.93 8.13 -9.53
CA LYS A 116 29.15 8.57 -8.77
C LYS A 116 29.18 8.01 -7.35
N TYR A 117 28.02 7.86 -6.72
CA TYR A 117 28.03 7.36 -5.36
C TYR A 117 27.41 5.94 -5.35
N ASN A 118 27.33 5.30 -6.53
CA ASN A 118 26.89 3.96 -6.64
C ASN A 118 27.84 3.24 -7.61
N VAL A 119 29.14 3.53 -7.46
CA VAL A 119 30.16 3.11 -8.40
C VAL A 119 30.04 1.60 -8.66
N ALA A 120 29.88 0.82 -7.60
CA ALA A 120 29.85 -0.65 -7.78
C ALA A 120 28.76 -1.07 -8.79
N TYR A 121 27.72 -0.22 -8.97
CA TYR A 121 26.56 -0.60 -9.81
C TYR A 121 26.66 -0.04 -11.24
N SER A 122 27.82 0.48 -11.60
CA SER A 122 28.03 1.26 -12.84
C SER A 122 27.80 0.40 -14.08
N LYS A 123 28.02 -0.92 -13.95
CA LYS A 123 27.75 -1.85 -15.06
C LYS A 123 26.35 -2.46 -14.88
N LYS A 124 25.89 -2.64 -13.64
CA LYS A 124 24.68 -3.42 -13.40
C LYS A 124 23.44 -2.60 -13.74
N TRP A 125 23.44 -1.29 -13.41
CA TRP A 125 22.23 -0.48 -13.49
C TRP A 125 22.07 0.08 -14.90
N ASP A 126 20.95 -0.28 -15.50
CA ASP A 126 20.48 0.20 -16.80
C ASP A 126 19.59 1.45 -16.57
N PHE A 127 19.78 2.49 -17.39
CA PHE A 127 19.02 3.73 -17.28
C PHE A 127 18.16 3.97 -18.55
N THR A 128 17.90 2.91 -19.30
CA THR A 128 17.25 3.02 -20.61
C THR A 128 15.88 3.69 -20.52
N ALA A 129 15.09 3.28 -19.52
CA ALA A 129 13.75 3.81 -19.38
C ALA A 129 13.82 5.28 -18.97
N LEU A 130 14.81 5.64 -18.16
CA LEU A 130 14.96 7.08 -17.82
C LEU A 130 15.31 7.88 -19.08
N ILE A 131 16.25 7.36 -19.87
CA ILE A 131 16.71 7.99 -21.06
C ILE A 131 15.56 8.12 -22.08
N ASP A 132 14.87 7.03 -22.33
CA ASP A 132 13.69 7.03 -23.20
C ASP A 132 12.60 7.98 -22.70
N PHE A 133 12.39 7.99 -21.40
CA PHE A 133 11.35 8.91 -20.84
C PHE A 133 11.71 10.35 -21.23
N TRP A 134 12.94 10.74 -20.90
CA TRP A 134 13.39 12.15 -21.06
C TRP A 134 13.45 12.53 -22.54
N ASP A 135 14.01 11.63 -23.37
CA ASP A 135 14.33 11.89 -24.77
C ASP A 135 13.21 11.53 -25.77
N LYS A 136 12.44 10.47 -25.49
CA LYS A 136 11.61 9.85 -26.53
C LYS A 136 10.13 9.89 -26.17
N VAL A 137 9.79 10.26 -24.94
CA VAL A 137 8.40 10.35 -24.52
C VAL A 137 8.05 11.82 -24.31
N LEU A 138 8.87 12.54 -23.54
CA LEU A 138 8.50 13.96 -23.12
C LEU A 138 8.65 14.88 -24.32
N GLU A 139 7.83 15.93 -24.38
CA GLU A 139 8.09 17.03 -25.32
C GLU A 139 9.41 17.70 -24.96
N GLU A 140 9.95 18.46 -25.91
CA GLU A 140 11.20 19.16 -25.67
C GLU A 140 10.96 20.14 -24.49
N ALA A 141 9.81 20.82 -24.46
CA ALA A 141 9.46 21.79 -23.35
C ALA A 141 9.23 21.06 -22.02
N GLU A 142 8.67 19.85 -22.06
CA GLU A 142 8.47 19.12 -20.80
C GLU A 142 9.83 18.63 -20.31
N ALA A 143 10.69 18.21 -21.25
CA ALA A 143 12.05 17.84 -20.89
C ALA A 143 12.77 19.01 -20.20
N GLN A 144 12.67 20.23 -20.74
CA GLN A 144 13.38 21.45 -20.19
C GLN A 144 12.91 21.80 -18.78
N HIS A 145 11.60 21.72 -18.54
CA HIS A 145 11.08 22.01 -17.26
C HIS A 145 11.56 20.93 -16.28
N LEU A 146 11.70 19.69 -16.74
CA LEU A 146 12.15 18.61 -15.88
C LEU A 146 13.58 18.95 -15.41
N TYR A 147 14.44 19.35 -16.33
CA TYR A 147 15.82 19.51 -15.91
C TYR A 147 16.08 20.92 -15.43
N GLN A 148 15.28 21.91 -15.85
CA GLN A 148 15.51 23.24 -15.30
C GLN A 148 14.83 23.43 -13.93
N SER A 149 13.73 22.74 -13.61
CA SER A 149 12.96 23.06 -12.36
C SER A 149 12.80 21.87 -11.42
N ILE A 150 12.17 20.80 -11.92
CA ILE A 150 11.71 19.67 -11.14
C ILE A 150 12.92 18.93 -10.57
N LEU A 151 13.89 18.55 -11.43
CA LEU A 151 15.00 17.78 -10.89
C LEU A 151 15.81 18.63 -9.88
N PRO A 152 16.19 19.88 -10.16
CA PRO A 152 16.92 20.67 -9.15
C PRO A 152 16.17 20.87 -7.83
N ASP A 153 14.84 21.03 -7.92
CA ASP A 153 13.97 21.11 -6.70
C ASP A 153 14.00 19.77 -5.92
N MET A 154 13.98 18.66 -6.65
CA MET A 154 14.11 17.32 -6.03
C MET A 154 15.48 17.14 -5.34
N VAL A 155 16.59 17.55 -6.01
CA VAL A 155 17.89 17.50 -5.39
C VAL A 155 17.86 18.33 -4.11
N LYS A 156 17.30 19.54 -4.14
CA LYS A 156 17.34 20.38 -2.90
C LYS A 156 16.58 19.72 -1.73
N ILE A 157 15.41 19.14 -1.98
CA ILE A 157 14.64 18.53 -0.90
C ILE A 157 15.38 17.28 -0.41
N ALA A 158 16.04 16.56 -1.33
CA ALA A 158 16.82 15.38 -0.96
C ALA A 158 17.97 15.80 -0.04
N LEU A 159 18.67 16.86 -0.44
CA LEU A 159 19.85 17.26 0.32
C LEU A 159 19.47 17.95 1.65
N CYS A 160 18.22 18.38 1.83
CA CYS A 160 17.76 18.95 3.11
C CYS A 160 17.45 17.83 4.12
N LEU A 161 17.58 16.56 3.72
CA LEU A 161 17.26 15.41 4.62
C LEU A 161 17.68 15.65 6.09
N PRO A 162 18.95 15.97 6.44
CA PRO A 162 19.34 16.08 7.85
C PRO A 162 18.59 17.17 8.66
N ASN A 163 18.03 18.17 7.95
CA ASN A 163 17.31 19.27 8.57
C ASN A 163 15.83 18.87 8.68
N ILE A 164 15.39 17.86 7.90
CA ILE A 164 13.97 17.53 7.78
C ILE A 164 13.71 16.31 8.65
N CYS A 165 14.50 15.25 8.44
CA CYS A 165 14.34 13.97 9.13
C CYS A 165 15.38 13.84 10.23
N THR A 166 15.13 14.59 11.33
CA THR A 166 16.09 14.76 12.37
C THR A 166 16.13 13.56 13.32
N GLN A 167 15.06 12.77 13.34
CA GLN A 167 14.87 11.69 14.30
C GLN A 167 15.08 10.36 13.60
N PRO A 168 15.88 9.42 14.15
CA PRO A 168 16.05 8.11 13.55
C PRO A 168 14.68 7.47 13.37
N ILE A 169 14.55 6.74 12.26
CA ILE A 169 13.32 6.03 11.96
C ILE A 169 13.52 4.56 12.27
N PRO A 170 12.77 3.98 13.23
CA PRO A 170 12.91 2.55 13.50
C PRO A 170 12.38 1.68 12.34
N LEU A 171 12.96 0.52 12.16
CA LEU A 171 12.46 -0.42 11.20
C LEU A 171 11.17 -1.02 11.83
N LEU A 172 10.12 -1.11 11.04
CA LEU A 172 8.97 -2.01 11.36
C LEU A 172 9.30 -3.47 10.99
N ALA A 173 10.04 -4.14 11.91
CA ALA A 173 10.53 -5.51 11.74
C ALA A 173 9.43 -6.54 12.02
N ALA A 174 9.62 -7.75 11.49
CA ALA A 174 8.82 -8.91 11.78
C ALA A 174 8.42 -8.92 13.26
N ALA A 175 7.12 -9.14 13.51
CA ALA A 175 6.52 -9.47 14.83
C ALA A 175 6.46 -8.22 15.72
N MET A 176 6.92 -7.05 15.27
CA MET A 176 6.71 -5.80 16.06
C MET A 176 5.31 -5.25 15.79
N ASN A 177 4.69 -4.71 16.85
CA ASN A 177 3.52 -3.96 16.80
C ASN A 177 3.93 -2.53 17.14
N HIS A 178 4.03 -1.68 16.11
CA HIS A 178 4.67 -0.39 16.23
C HIS A 178 4.16 0.51 15.12
N SER A 179 4.13 1.81 15.42
CA SER A 179 3.68 2.89 14.55
C SER A 179 4.78 3.95 14.37
N ILE A 180 4.82 4.55 13.16
CA ILE A 180 5.58 5.70 12.86
C ILE A 180 4.64 6.74 12.29
N THR A 181 4.64 7.94 12.92
CA THR A 181 3.89 9.06 12.42
C THR A 181 4.86 10.19 12.07
N MET A 182 4.87 10.58 10.81
CA MET A 182 5.82 11.48 10.24
C MET A 182 5.07 12.43 9.28
N SER A 183 5.74 13.52 8.86
CA SER A 183 5.12 14.61 8.06
C SER A 183 5.15 14.21 6.60
N GLN A 184 4.17 14.70 5.81
CA GLN A 184 4.22 14.43 4.32
C GLN A 184 5.55 15.01 3.80
N GLU A 185 5.99 16.11 4.41
CA GLU A 185 7.19 16.81 3.98
C GLU A 185 8.39 15.91 4.21
N GLN A 186 8.44 15.26 5.37
CA GLN A 186 9.56 14.36 5.67
C GLN A 186 9.60 13.21 4.63
N ILE A 187 8.41 12.72 4.30
CA ILE A 187 8.32 11.66 3.37
C ILE A 187 8.83 12.12 1.99
N ALA A 188 8.57 13.37 1.64
CA ALA A 188 8.94 13.90 0.33
C ALA A 188 10.47 13.91 0.19
N SER A 189 11.13 14.33 1.27
CA SER A 189 12.61 14.39 1.34
C SER A 189 13.16 12.97 1.18
N LEU A 190 12.52 12.01 1.89
CA LEU A 190 12.99 10.62 1.83
C LEU A 190 12.83 10.05 0.40
N LEU A 191 11.69 10.32 -0.25
CA LEU A 191 11.40 9.77 -1.55
C LEU A 191 12.33 10.38 -2.62
N ALA A 192 12.72 11.64 -2.45
CA ALA A 192 13.63 12.31 -3.37
C ALA A 192 15.00 11.63 -3.29
N ASN A 193 15.36 11.25 -2.05
CA ASN A 193 16.52 10.42 -1.80
C ASN A 193 16.41 9.04 -2.49
N ALA A 194 15.23 8.39 -2.41
CA ALA A 194 15.08 7.10 -3.04
C ALA A 194 15.15 7.24 -4.58
N PHE A 195 14.58 8.32 -5.11
CA PHE A 195 14.67 8.59 -6.57
C PHE A 195 16.16 8.63 -6.99
N PHE A 196 16.94 9.46 -6.31
CA PHE A 196 18.41 9.57 -6.60
C PHE A 196 19.20 8.37 -6.05
N CYS A 197 18.52 7.33 -5.60
CA CYS A 197 19.21 6.10 -5.19
C CYS A 197 20.27 6.36 -4.12
N THR A 198 19.94 7.17 -3.11
CA THR A 198 20.95 7.52 -2.09
C THR A 198 20.94 6.58 -0.88
N PHE A 199 19.95 5.71 -0.71
CA PHE A 199 19.87 4.93 0.56
C PHE A 199 20.96 3.89 0.59
N PRO A 200 21.85 3.92 1.61
CA PRO A 200 22.98 2.99 1.66
C PRO A 200 22.59 1.53 1.96
N ARG A 201 23.36 0.54 1.46
CA ARG A 201 23.32 -0.85 1.92
C ARG A 201 21.98 -1.48 1.55
N ARG A 202 21.32 -0.94 0.53
CA ARG A 202 20.00 -1.37 0.10
C ARG A 202 20.05 -1.91 -1.35
N ASN A 203 21.24 -2.07 -1.92
CA ASN A 203 21.33 -2.60 -3.23
C ASN A 203 21.84 -4.04 -3.09
N SER A 211 17.58 -8.30 2.45
CA SER A 211 16.89 -9.33 1.64
C SER A 211 15.51 -9.65 2.24
N SER A 212 15.25 -9.28 3.50
CA SER A 212 13.90 -9.42 4.04
C SER A 212 13.14 -8.09 3.94
N TYR A 213 13.69 -7.09 3.24
CA TYR A 213 13.06 -5.77 3.06
C TYR A 213 12.87 -5.52 1.58
N PRO A 214 11.81 -4.80 1.15
CA PRO A 214 11.68 -4.39 -0.26
C PRO A 214 12.80 -3.44 -0.68
N ASP A 215 13.01 -3.33 -1.98
CA ASP A 215 13.86 -2.28 -2.60
C ASP A 215 13.27 -0.93 -2.24
N ILE A 216 14.11 0.05 -1.97
CA ILE A 216 13.57 1.42 -1.78
C ILE A 216 14.18 2.37 -2.82
N ASN A 217 15.47 2.16 -3.16
CA ASN A 217 16.06 3.00 -4.16
C ASN A 217 15.31 2.76 -5.47
N PHE A 218 15.17 3.81 -6.29
CA PHE A 218 14.36 3.74 -7.57
C PHE A 218 15.12 3.21 -8.83
N ASN A 219 16.25 2.52 -8.67
CA ASN A 219 17.13 2.24 -9.79
C ASN A 219 16.42 1.32 -10.82
N ARG A 220 15.57 0.42 -10.34
CA ARG A 220 14.90 -0.46 -11.27
C ARG A 220 13.81 0.27 -12.06
N LEU A 221 13.39 1.47 -11.65
CA LEU A 221 12.44 2.27 -12.40
C LEU A 221 13.01 2.79 -13.71
N PHE A 222 14.34 2.93 -13.73
CA PHE A 222 15.08 3.46 -14.86
C PHE A 222 15.50 2.38 -15.88
N GLU A 223 15.20 1.12 -15.62
CA GLU A 223 15.84 0.06 -16.45
C GLU A 223 14.80 -0.47 -17.44
N GLY A 224 15.30 -0.98 -18.58
CA GLY A 224 14.51 -1.70 -19.55
C GLY A 224 13.75 -0.78 -20.48
N ARG A 225 13.13 -1.38 -21.48
CA ARG A 225 12.05 -0.76 -22.08
C ARG A 225 10.87 -1.46 -21.46
N SER A 226 9.84 -0.67 -21.19
CA SER A 226 8.48 -1.10 -21.02
C SER A 226 7.67 0.15 -21.35
N SER A 227 6.52 0.04 -22.01
CA SER A 227 5.74 1.24 -22.19
C SER A 227 5.17 1.68 -20.83
N ARG A 228 5.31 0.81 -19.80
CA ARG A 228 4.81 1.07 -18.42
C ARG A 228 5.64 2.18 -17.73
N LYS A 229 6.96 2.12 -17.84
CA LYS A 229 7.87 2.94 -17.03
C LYS A 229 7.69 4.43 -17.36
N PRO A 230 7.44 4.85 -18.61
CA PRO A 230 7.08 6.24 -18.85
C PRO A 230 5.86 6.75 -18.06
N GLU A 231 4.82 5.91 -17.90
CA GLU A 231 3.65 6.30 -17.21
C GLU A 231 3.96 6.33 -15.71
N LYS A 232 4.75 5.38 -15.22
CA LYS A 232 5.12 5.40 -13.84
C LYS A 232 5.83 6.73 -13.54
N LEU A 233 6.74 7.09 -14.43
CA LEU A 233 7.60 8.21 -14.20
C LEU A 233 6.80 9.51 -14.24
N LYS A 234 5.89 9.65 -15.21
CA LYS A 234 5.00 10.77 -15.25
C LYS A 234 4.19 10.85 -13.95
N THR A 235 3.79 9.73 -13.41
CA THR A 235 2.97 9.74 -12.16
C THR A 235 3.83 10.27 -11.01
N LEU A 236 5.07 9.75 -10.91
CA LEU A 236 5.90 10.14 -9.83
C LEU A 236 6.34 11.60 -9.98
N PHE A 237 6.71 12.01 -11.18
CA PHE A 237 7.10 13.45 -11.37
C PHE A 237 5.93 14.41 -11.07
N CYS A 238 4.69 13.98 -11.31
CA CYS A 238 3.50 14.78 -10.93
C CYS A 238 3.53 15.04 -9.42
N TYR A 239 3.73 13.96 -8.64
CA TYR A 239 3.99 14.08 -7.22
C TYR A 239 5.17 15.03 -6.91
N PHE A 240 6.37 14.72 -7.45
CA PHE A 240 7.55 15.47 -7.10
C PHE A 240 7.38 16.97 -7.41
N ARG A 241 6.73 17.31 -8.52
CA ARG A 241 6.52 18.68 -8.85
C ARG A 241 5.63 19.32 -7.78
N ARG A 242 4.58 18.62 -7.32
CA ARG A 242 3.66 19.31 -6.39
C ARG A 242 4.36 19.54 -5.04
N VAL A 243 5.03 18.52 -4.49
CA VAL A 243 5.50 18.57 -3.13
C VAL A 243 6.74 19.45 -2.99
N THR A 244 7.57 19.61 -4.03
CA THR A 244 8.66 20.50 -3.99
C THR A 244 8.18 21.92 -4.34
N ALA A 245 7.08 22.11 -5.06
CA ALA A 245 6.53 23.48 -5.30
C ALA A 245 5.88 24.03 -3.99
N ALA A 246 5.09 23.21 -3.29
CA ALA A 246 4.43 23.65 -2.03
C ALA A 246 4.38 22.45 -1.06
N ALA A 247 5.02 22.60 0.09
CA ALA A 247 5.14 21.52 1.05
C ALA A 247 3.76 21.09 1.47
N PRO A 248 3.46 19.79 1.45
CA PRO A 248 2.24 19.31 2.10
C PRO A 248 2.35 19.52 3.62
N THR A 249 1.20 19.74 4.28
CA THR A 249 1.23 20.18 5.65
C THR A 249 0.84 19.08 6.64
N GLY A 250 0.46 17.92 6.13
CA GLY A 250 -0.23 16.90 6.94
C GLY A 250 0.74 15.88 7.49
N LEU A 251 0.19 14.90 8.23
CA LEU A 251 0.96 13.74 8.72
C LEU A 251 0.47 12.43 8.10
N VAL A 252 1.34 11.40 8.19
CA VAL A 252 1.04 10.04 7.78
C VAL A 252 1.48 9.09 8.90
N THR A 253 0.65 8.10 9.19
CA THR A 253 1.01 7.06 10.13
C THR A 253 1.15 5.69 9.47
N PHE A 254 2.23 5.01 9.81
CA PHE A 254 2.47 3.68 9.35
C PHE A 254 2.47 2.75 10.56
N THR A 255 1.58 1.75 10.57
CA THR A 255 1.46 0.82 11.66
C THR A 255 1.60 -0.62 11.17
N ARG A 256 2.58 -1.38 11.71
CA ARG A 256 2.66 -2.81 11.60
C ARG A 256 1.81 -3.44 12.71
N GLN A 257 0.92 -4.34 12.30
CA GLN A 257 0.01 -5.01 13.18
C GLN A 257 0.20 -6.53 13.01
N SER A 258 0.32 -7.20 14.14
CA SER A 258 0.80 -8.54 14.14
C SER A 258 0.10 -9.27 15.26
N LEU A 259 -0.90 -10.11 14.96
CA LEU A 259 -1.75 -10.74 15.99
C LEU A 259 -1.24 -12.14 16.31
N GLU A 260 -1.48 -12.51 17.56
CA GLU A 260 -0.98 -13.69 18.24
C GLU A 260 -2.06 -14.79 18.24
N ASP A 261 -3.32 -14.39 18.43
CA ASP A 261 -4.45 -15.33 18.51
C ASP A 261 -5.46 -15.02 17.40
N PHE A 262 -5.88 -16.07 16.71
CA PHE A 262 -6.84 -15.91 15.64
C PHE A 262 -8.12 -16.60 16.05
N PRO A 263 -9.26 -16.22 15.44
CA PRO A 263 -10.53 -16.84 15.80
C PRO A 263 -10.51 -18.34 15.48
N GLU A 264 -11.26 -19.09 16.28
CA GLU A 264 -11.61 -20.44 16.03
C GLU A 264 -12.83 -20.42 15.11
N TRP A 265 -12.54 -20.38 13.82
CA TRP A 265 -13.50 -20.02 12.76
C TRP A 265 -14.74 -20.95 12.79
N GLU A 266 -14.53 -22.27 12.93
CA GLU A 266 -15.61 -23.27 13.07
C GLU A 266 -16.56 -22.96 14.24
N ARG A 267 -16.09 -22.27 15.30
CA ARG A 267 -16.86 -22.00 16.54
C ARG A 267 -17.43 -20.56 16.55
N CYS A 268 -17.19 -19.74 15.55
CA CYS A 268 -17.52 -18.31 15.65
C CYS A 268 -19.02 -18.10 15.35
N GLU A 269 -19.75 -17.48 16.31
CA GLU A 269 -21.18 -17.37 16.30
C GLU A 269 -21.63 -15.97 15.88
N LYS A 270 -20.71 -15.18 15.36
CA LYS A 270 -21.05 -13.87 14.98
C LYS A 270 -21.87 -13.93 13.71
N PRO A 271 -22.82 -13.00 13.54
CA PRO A 271 -23.57 -12.87 12.29
C PRO A 271 -22.75 -12.17 11.20
N LEU A 272 -23.22 -12.29 9.96
CA LEU A 272 -22.58 -11.65 8.84
C LEU A 272 -22.93 -10.17 8.92
N THR A 273 -22.14 -9.34 8.27
CA THR A 273 -22.40 -7.91 8.30
C THR A 273 -23.04 -7.50 6.96
N ARG A 274 -23.14 -6.21 6.70
CA ARG A 274 -23.83 -5.78 5.50
C ARG A 274 -22.87 -5.82 4.31
N LEU A 275 -23.45 -5.88 3.10
CA LEU A 275 -22.63 -5.88 1.91
C LEU A 275 -23.21 -4.91 0.88
N HIS A 276 -22.32 -4.15 0.25
CA HIS A 276 -22.63 -3.44 -0.96
C HIS A 276 -21.66 -3.99 -2.00
N VAL A 277 -22.17 -4.43 -3.17
CA VAL A 277 -21.30 -4.97 -4.22
C VAL A 277 -21.71 -4.35 -5.56
N THR A 278 -20.68 -3.88 -6.30
CA THR A 278 -20.94 -3.11 -7.54
C THR A 278 -19.88 -3.45 -8.57
N TYR A 279 -20.26 -3.45 -9.85
CA TYR A 279 -19.31 -3.65 -10.89
C TYR A 279 -18.80 -2.32 -11.41
N GLU A 280 -19.26 -1.19 -10.87
CA GLU A 280 -18.62 0.05 -11.25
C GLU A 280 -17.85 0.62 -10.07
N GLY A 281 -17.03 1.62 -10.34
CA GLY A 281 -16.42 2.38 -9.29
C GLY A 281 -15.02 1.87 -9.07
N THR A 282 -14.27 2.58 -8.23
CA THR A 282 -12.98 2.15 -7.74
C THR A 282 -12.97 2.18 -6.20
N ILE A 283 -12.11 1.37 -5.62
CA ILE A 283 -11.80 1.46 -4.17
C ILE A 283 -11.40 2.90 -3.75
N GLU A 284 -10.48 3.50 -4.50
CA GLU A 284 -9.89 4.77 -4.06
C GLU A 284 -10.89 5.93 -4.25
N GLU A 285 -11.78 5.88 -5.23
CA GLU A 285 -12.63 7.04 -5.40
C GLU A 285 -13.96 6.83 -4.66
N ASN A 286 -14.54 5.66 -4.84
CA ASN A 286 -15.91 5.31 -4.35
C ASN A 286 -15.86 4.78 -2.91
N GLY A 287 -14.68 4.39 -2.43
CA GLY A 287 -14.49 3.91 -1.05
C GLY A 287 -13.82 4.97 -0.18
N GLN A 288 -14.08 6.24 -0.47
CA GLN A 288 -13.48 7.34 0.32
C GLN A 288 -13.96 7.20 1.76
N GLY A 289 -13.04 7.45 2.69
CA GLY A 289 -13.24 7.27 4.11
C GLY A 289 -13.38 5.83 4.58
N MET A 290 -13.21 4.82 3.70
CA MET A 290 -13.39 3.43 4.12
C MET A 290 -12.02 2.75 4.25
N LEU A 291 -12.00 1.59 4.94
CA LEU A 291 -10.75 0.88 5.04
C LEU A 291 -10.48 0.27 3.65
N GLN A 292 -9.52 0.84 2.91
CA GLN A 292 -9.21 0.45 1.58
C GLN A 292 -8.12 -0.60 1.55
N VAL A 293 -8.44 -1.72 0.89
CA VAL A 293 -7.54 -2.83 0.79
C VAL A 293 -6.58 -2.58 -0.39
N ASP A 294 -5.29 -2.76 -0.07
CA ASP A 294 -4.20 -2.87 -0.97
C ASP A 294 -3.99 -4.37 -1.19
N PHE A 295 -4.18 -4.84 -2.42
CA PHE A 295 -3.92 -6.27 -2.70
C PHE A 295 -2.40 -6.47 -2.79
N ALA A 296 -1.72 -6.70 -1.66
CA ALA A 296 -0.30 -6.41 -1.54
C ALA A 296 0.56 -7.64 -1.84
N ASN A 297 1.82 -7.42 -2.24
CA ASN A 297 2.86 -8.37 -2.11
C ASN A 297 3.28 -8.39 -0.61
N ARG A 298 3.76 -9.52 -0.12
CA ARG A 298 4.30 -9.65 1.25
C ARG A 298 5.49 -8.70 1.40
N PHE A 299 6.19 -8.39 0.29
CA PHE A 299 7.06 -7.19 0.24
C PHE A 299 6.24 -5.98 -0.22
N VAL A 300 5.99 -5.06 0.72
CA VAL A 300 4.90 -4.13 0.49
C VAL A 300 5.24 -3.23 -0.70
N GLY A 301 4.21 -2.91 -1.51
CA GLY A 301 4.39 -2.12 -2.73
C GLY A 301 4.79 -2.93 -3.98
N GLY A 302 5.09 -4.22 -3.81
CA GLY A 302 5.30 -5.14 -4.92
C GLY A 302 6.34 -4.65 -5.91
N GLY A 303 5.92 -4.53 -7.16
CA GLY A 303 6.84 -4.07 -8.22
C GLY A 303 6.71 -2.59 -8.50
N VAL A 304 6.30 -1.79 -7.51
CA VAL A 304 6.09 -0.35 -7.74
C VAL A 304 7.42 0.28 -8.24
N THR A 305 8.56 -0.06 -7.65
CA THR A 305 9.83 0.60 -7.99
C THR A 305 10.52 -0.14 -9.15
N SER A 306 9.84 -1.13 -9.74
CA SER A 306 10.36 -1.99 -10.83
C SER A 306 9.31 -2.15 -11.96
N ALA A 307 8.87 -3.39 -12.21
CA ALA A 307 8.03 -3.72 -13.36
C ALA A 307 6.53 -3.87 -13.02
N GLY A 308 6.13 -4.28 -11.83
CA GLY A 308 4.63 -4.46 -11.62
C GLY A 308 3.79 -3.19 -11.91
N LEU A 309 2.59 -3.37 -12.46
CA LEU A 309 1.63 -2.24 -12.54
C LEU A 309 0.15 -2.71 -12.49
N VAL A 310 -0.23 -3.39 -11.39
CA VAL A 310 -1.66 -3.73 -11.14
C VAL A 310 -2.08 -3.04 -9.84
N GLN A 311 -3.15 -3.51 -9.16
CA GLN A 311 -3.81 -2.70 -8.10
C GLN A 311 -2.82 -2.08 -7.10
N GLU A 312 -1.88 -2.86 -6.56
CA GLU A 312 -1.00 -2.31 -5.53
C GLU A 312 -0.12 -1.21 -6.13
N GLU A 313 0.57 -1.54 -7.25
CA GLU A 313 1.52 -0.60 -7.84
C GLU A 313 0.78 0.68 -8.22
N ILE A 314 -0.47 0.59 -8.70
CA ILE A 314 -1.17 1.82 -9.06
C ILE A 314 -1.40 2.71 -7.82
N ARG A 315 -1.84 2.10 -6.73
CA ARG A 315 -2.18 2.89 -5.54
C ARG A 315 -0.88 3.57 -5.05
N PHE A 316 0.21 2.79 -5.01
CA PHE A 316 1.50 3.33 -4.51
C PHE A 316 2.00 4.46 -5.45
N LEU A 317 1.59 4.46 -6.71
CA LEU A 317 1.99 5.52 -7.64
C LEU A 317 1.09 6.77 -7.48
N ILE A 318 -0.22 6.60 -7.32
CA ILE A 318 -1.04 7.77 -7.30
C ILE A 318 -1.01 8.37 -5.90
N ASN A 319 -0.66 7.56 -4.89
CA ASN A 319 -0.43 8.00 -3.49
C ASN A 319 1.01 7.63 -3.11
N PRO A 320 2.04 8.32 -3.69
CA PRO A 320 3.44 7.93 -3.52
C PRO A 320 3.95 7.87 -2.09
N GLU A 321 3.29 8.56 -1.16
CA GLU A 321 3.74 8.47 0.26
C GLU A 321 3.70 7.00 0.72
N LEU A 322 2.83 6.16 0.11
CA LEU A 322 2.85 4.71 0.43
C LEU A 322 4.22 4.07 0.17
N ILE A 323 4.92 4.54 -0.90
CA ILE A 323 6.17 3.94 -1.29
C ILE A 323 7.15 3.94 -0.12
N ILE A 324 7.12 4.95 0.75
CA ILE A 324 8.16 5.05 1.80
C ILE A 324 8.07 3.90 2.80
N SER A 325 6.93 3.22 2.84
CA SER A 325 6.82 2.12 3.69
C SER A 325 7.89 1.07 3.34
N ARG A 326 8.31 1.03 2.09
CA ARG A 326 9.35 0.10 1.71
C ARG A 326 10.73 0.38 2.36
N LEU A 327 10.96 1.61 2.85
CA LEU A 327 12.19 1.98 3.51
C LEU A 327 12.36 1.19 4.81
N PHE A 328 11.25 0.98 5.55
CA PHE A 328 11.31 0.50 6.92
C PHE A 328 10.41 -0.71 7.19
N THR A 329 9.66 -1.24 6.19
CA THR A 329 8.68 -2.33 6.47
C THR A 329 9.21 -3.69 5.97
N GLU A 330 9.57 -4.55 6.95
CA GLU A 330 10.02 -5.89 6.66
C GLU A 330 8.88 -6.70 6.02
N VAL A 331 9.26 -7.74 5.26
CA VAL A 331 8.38 -8.61 4.58
C VAL A 331 7.31 -9.11 5.57
N LEU A 332 6.05 -9.06 5.16
CA LEU A 332 4.96 -9.49 6.09
C LEU A 332 4.96 -11.02 6.25
N ASP A 333 4.87 -11.48 7.51
CA ASP A 333 4.61 -12.85 7.77
C ASP A 333 3.07 -13.02 7.76
N HIS A 334 2.62 -14.25 8.01
CA HIS A 334 1.24 -14.69 7.72
C HIS A 334 0.25 -14.06 8.69
N ASN A 335 0.72 -13.67 9.87
CA ASN A 335 -0.13 -13.06 10.89
C ASN A 335 -0.03 -11.51 10.91
N GLU A 336 0.50 -10.88 9.83
CA GLU A 336 0.83 -9.44 9.87
C GLU A 336 0.19 -8.67 8.71
N CYS A 337 0.09 -7.34 8.90
CA CYS A 337 -0.29 -6.42 7.88
C CYS A 337 0.37 -5.06 8.21
N LEU A 338 0.25 -4.15 7.25
CA LEU A 338 0.60 -2.81 7.40
C LEU A 338 -0.64 -1.92 7.15
N ILE A 339 -0.85 -0.95 8.05
CA ILE A 339 -1.94 0.01 8.02
C ILE A 339 -1.32 1.41 7.89
N ILE A 340 -1.71 2.10 6.82
CA ILE A 340 -1.21 3.39 6.51
C ILE A 340 -2.37 4.39 6.48
N THR A 341 -2.31 5.39 7.40
CA THR A 341 -3.34 6.42 7.51
C THR A 341 -2.76 7.80 7.18
N GLY A 342 -3.43 8.49 6.25
CA GLY A 342 -3.03 9.83 5.93
C GLY A 342 -2.48 10.04 4.53
N THR A 343 -2.27 9.00 3.73
CA THR A 343 -1.59 9.26 2.41
C THR A 343 -2.53 10.06 1.49
N GLU A 344 -1.89 10.91 0.68
CA GLU A 344 -2.57 11.83 -0.18
C GLU A 344 -2.51 11.38 -1.64
N GLN A 345 -3.61 11.59 -2.36
CA GLN A 345 -3.65 11.23 -3.75
C GLN A 345 -3.22 12.45 -4.57
N TYR A 346 -2.19 12.25 -5.41
CA TYR A 346 -1.64 13.33 -6.20
C TYR A 346 -1.93 13.24 -7.71
N SER A 347 -2.35 12.06 -8.21
CA SER A 347 -2.53 11.77 -9.60
C SER A 347 -3.88 11.05 -9.80
N GLU A 348 -4.38 11.16 -11.04
CA GLU A 348 -5.45 10.36 -11.62
C GLU A 348 -4.87 9.56 -12.79
N TYR A 349 -5.54 8.46 -13.15
CA TYR A 349 -5.08 7.56 -14.17
C TYR A 349 -6.28 6.93 -14.90
N THR A 350 -5.98 6.26 -16.00
CA THR A 350 -6.94 5.41 -16.72
C THR A 350 -6.25 4.07 -16.95
N GLY A 351 -7.04 3.04 -17.30
CA GLY A 351 -6.50 1.75 -17.65
C GLY A 351 -5.93 1.05 -16.43
N TYR A 352 -5.08 0.04 -16.68
CA TYR A 352 -4.74 -1.05 -15.77
C TYR A 352 -3.62 -1.82 -16.44
N ALA A 353 -2.58 -2.18 -15.69
CA ALA A 353 -1.49 -2.93 -16.26
C ALA A 353 -1.02 -2.29 -17.58
N GLU A 354 -1.05 -3.04 -18.68
CA GLU A 354 -0.49 -2.62 -19.94
C GLU A 354 -1.19 -1.37 -20.50
N THR A 355 -2.39 -1.05 -20.03
CA THR A 355 -3.10 0.09 -20.52
C THR A 355 -3.06 1.24 -19.47
N TYR A 356 -2.37 1.06 -18.34
CA TYR A 356 -2.24 2.16 -17.39
C TYR A 356 -1.65 3.43 -18.03
N ARG A 357 -2.37 4.56 -17.93
CA ARG A 357 -1.81 5.91 -18.25
C ARG A 357 -2.10 6.90 -17.11
N TRP A 358 -1.09 7.70 -16.80
CA TRP A 358 -1.23 8.98 -16.11
C TRP A 358 -2.14 9.94 -16.89
N SER A 359 -3.23 10.45 -16.28
CA SER A 359 -4.11 11.41 -16.96
C SER A 359 -3.74 12.85 -16.58
N ARG A 360 -3.63 13.10 -15.28
CA ARG A 360 -3.62 14.47 -14.74
C ARG A 360 -3.31 14.48 -13.24
N SER A 361 -2.90 15.69 -12.78
CA SER A 361 -2.72 16.02 -11.38
C SER A 361 -4.07 15.96 -10.64
N HIS A 362 -4.10 15.41 -9.42
CA HIS A 362 -5.31 15.32 -8.58
C HIS A 362 -5.16 16.20 -7.35
N GLU A 363 -6.16 17.05 -7.11
CA GLU A 363 -6.28 17.91 -5.89
C GLU A 363 -7.02 17.15 -4.78
N ASP A 364 -6.28 16.59 -3.80
CA ASP A 364 -6.97 15.69 -2.87
C ASP A 364 -7.95 16.51 -2.03
N GLY A 365 -9.22 16.08 -2.05
CA GLY A 365 -10.36 16.72 -1.36
C GLY A 365 -10.59 16.22 0.07
N SER A 366 -9.97 15.08 0.46
CA SER A 366 -10.17 14.44 1.82
C SER A 366 -9.90 15.45 2.95
N GLU A 367 -10.80 15.45 3.92
CA GLU A 367 -10.66 16.05 5.20
C GLU A 367 -9.50 15.37 5.94
N ARG A 368 -8.96 16.10 6.93
CA ARG A 368 -7.89 15.65 7.76
C ARG A 368 -8.44 15.41 9.16
N ASP A 369 -7.92 14.38 9.86
CA ASP A 369 -8.33 14.16 11.26
C ASP A 369 -7.61 15.16 12.16
N ASP A 370 -7.75 14.90 13.44
CA ASP A 370 -7.19 15.71 14.48
C ASP A 370 -5.67 15.54 14.57
N TRP A 371 -5.08 14.56 13.86
CA TRP A 371 -3.63 14.46 13.77
C TRP A 371 -3.10 15.04 12.43
N GLN A 372 -3.95 15.81 11.72
CA GLN A 372 -3.68 16.38 10.40
C GLN A 372 -3.33 15.26 9.40
N ARG A 373 -3.96 14.09 9.55
CA ARG A 373 -3.84 13.03 8.55
C ARG A 373 -5.09 13.06 7.66
N ARG A 374 -4.88 13.02 6.34
CA ARG A 374 -6.00 12.79 5.37
C ARG A 374 -6.77 11.56 5.84
N CYS A 375 -8.11 11.62 5.78
CA CYS A 375 -8.96 10.55 6.28
C CYS A 375 -8.99 9.43 5.23
N THR A 376 -7.79 8.87 5.01
CA THR A 376 -7.62 7.85 4.03
C THR A 376 -6.82 6.76 4.73
N GLU A 377 -7.47 5.60 4.91
CA GLU A 377 -6.83 4.42 5.58
C GLU A 377 -6.75 3.24 4.60
N ILE A 378 -5.51 2.78 4.38
CA ILE A 378 -5.18 1.75 3.41
C ILE A 378 -4.52 0.57 4.17
N VAL A 379 -4.99 -0.65 3.93
CA VAL A 379 -4.31 -1.75 4.57
C VAL A 379 -3.71 -2.69 3.52
N ALA A 380 -2.40 -2.96 3.69
CA ALA A 380 -1.73 -3.95 2.86
C ALA A 380 -1.88 -5.35 3.48
N ILE A 381 -2.57 -6.24 2.77
CA ILE A 381 -2.68 -7.64 3.09
C ILE A 381 -2.36 -8.44 1.82
N ASP A 382 -1.36 -9.30 1.99
CA ASP A 382 -0.87 -10.09 0.91
C ASP A 382 -1.63 -11.43 0.88
N ALA A 383 -2.24 -11.75 -0.26
CA ALA A 383 -2.82 -13.11 -0.49
C ALA A 383 -1.72 -14.11 -0.79
N LEU A 384 -2.09 -15.39 -0.71
CA LEU A 384 -1.17 -16.45 -1.14
C LEU A 384 -1.26 -16.60 -2.65
N HIS A 385 -0.18 -17.11 -3.25
CA HIS A 385 -0.14 -17.35 -4.64
C HIS A 385 -0.40 -18.83 -4.85
N PHE A 386 -1.46 -19.16 -5.57
CA PHE A 386 -1.81 -20.55 -5.83
C PHE A 386 -1.31 -20.97 -7.22
N ARG A 387 -0.15 -21.64 -7.27
CA ARG A 387 0.26 -22.39 -8.49
C ARG A 387 -0.83 -23.39 -8.91
N ARG A 388 -1.39 -24.15 -7.95
CA ARG A 388 -2.47 -25.06 -8.31
C ARG A 388 -3.78 -24.54 -7.72
N TYR A 389 -4.75 -24.33 -8.60
CA TYR A 389 -6.06 -23.77 -8.30
C TYR A 389 -6.69 -24.42 -7.06
N LEU A 390 -6.77 -25.75 -6.99
CA LEU A 390 -7.44 -26.41 -5.86
C LEU A 390 -6.70 -26.23 -4.53
N ASP A 391 -5.44 -25.82 -4.52
CA ASP A 391 -4.68 -25.73 -3.28
C ASP A 391 -5.36 -24.78 -2.28
N GLN A 392 -6.15 -23.83 -2.80
CA GLN A 392 -6.67 -22.73 -1.97
C GLN A 392 -7.92 -23.17 -1.19
N PHE A 393 -8.52 -24.33 -1.54
CA PHE A 393 -9.59 -24.83 -0.83
C PHE A 393 -9.11 -25.74 0.30
N VAL A 394 -7.82 -25.96 0.43
CA VAL A 394 -7.33 -26.75 1.60
C VAL A 394 -7.61 -25.98 2.87
N PRO A 395 -8.21 -26.60 3.92
CA PRO A 395 -8.55 -25.85 5.12
C PRO A 395 -7.41 -24.91 5.57
N GLU A 396 -6.16 -25.37 5.63
CA GLU A 396 -5.01 -24.57 6.17
C GLU A 396 -4.88 -23.25 5.36
N LYS A 397 -5.06 -23.39 4.04
CA LYS A 397 -5.01 -22.30 3.10
C LYS A 397 -6.20 -21.35 3.27
N MET A 398 -7.40 -21.88 3.53
CA MET A 398 -8.57 -21.02 3.77
C MET A 398 -8.41 -20.23 5.08
N ARG A 399 -7.98 -20.91 6.17
CA ARG A 399 -7.75 -20.27 7.44
C ARG A 399 -6.66 -19.21 7.29
N ARG A 400 -5.68 -19.48 6.43
CA ARG A 400 -4.54 -18.57 6.29
C ARG A 400 -5.09 -17.25 5.75
N GLU A 401 -5.94 -17.33 4.71
CA GLU A 401 -6.45 -16.12 4.05
C GLU A 401 -7.44 -15.45 5.00
N LEU A 402 -8.25 -16.26 5.69
CA LEU A 402 -9.19 -15.67 6.70
C LEU A 402 -8.41 -14.82 7.74
N ASN A 403 -7.32 -15.36 8.30
CA ASN A 403 -6.62 -14.76 9.38
C ASN A 403 -5.84 -13.53 8.91
N LYS A 404 -5.33 -13.58 7.69
CA LYS A 404 -4.61 -12.47 7.12
C LYS A 404 -5.58 -11.30 6.95
N ALA A 405 -6.70 -11.56 6.29
CA ALA A 405 -7.76 -10.54 6.10
C ALA A 405 -8.27 -10.06 7.46
N TYR A 406 -8.47 -11.00 8.43
CA TYR A 406 -8.91 -10.58 9.77
C TYR A 406 -7.91 -9.60 10.44
N CYS A 407 -6.61 -9.95 10.40
CA CYS A 407 -5.63 -9.11 10.99
C CYS A 407 -5.72 -7.72 10.33
N GLY A 408 -5.91 -7.73 9.03
CA GLY A 408 -5.96 -6.48 8.29
C GLY A 408 -7.18 -5.62 8.62
N PHE A 409 -8.30 -6.24 9.06
CA PHE A 409 -9.59 -5.53 9.35
C PHE A 409 -9.76 -5.19 10.84
N LEU A 410 -9.15 -5.96 11.73
CA LEU A 410 -9.37 -5.80 13.17
C LEU A 410 -8.67 -4.55 13.73
N ARG A 411 -9.40 -3.79 14.55
CA ARG A 411 -8.92 -2.63 15.28
C ARG A 411 -9.23 -2.90 16.75
N PRO A 412 -8.34 -3.60 17.48
CA PRO A 412 -8.67 -4.07 18.82
C PRO A 412 -9.21 -2.94 19.71
N GLY A 413 -10.28 -3.23 20.47
CA GLY A 413 -10.83 -2.26 21.44
C GLY A 413 -11.79 -1.24 20.81
N VAL A 414 -11.59 -0.87 19.51
CA VAL A 414 -12.53 0.04 18.85
C VAL A 414 -13.90 -0.62 18.70
N SER A 415 -14.91 0.11 19.10
CA SER A 415 -16.26 -0.27 18.85
C SER A 415 -16.56 -0.30 17.35
N SER A 416 -17.52 -1.16 17.00
CA SER A 416 -17.94 -1.52 15.69
C SER A 416 -18.62 -0.35 15.00
N GLU A 417 -19.29 0.50 15.81
CA GLU A 417 -19.93 1.70 15.32
C GLU A 417 -18.92 2.76 14.89
N ASN A 418 -17.65 2.65 15.30
CA ASN A 418 -16.62 3.59 14.88
C ASN A 418 -15.71 2.94 13.81
N LEU A 419 -16.14 1.82 13.23
CA LEU A 419 -15.36 1.19 12.21
C LEU A 419 -15.99 1.52 10.84
N SER A 420 -15.16 2.02 9.95
CA SER A 420 -15.58 2.24 8.58
C SER A 420 -15.82 0.88 7.91
N ALA A 421 -16.64 0.84 6.85
CA ALA A 421 -16.74 -0.32 5.97
C ALA A 421 -15.37 -0.67 5.37
N VAL A 422 -15.23 -1.95 5.01
CA VAL A 422 -14.07 -2.42 4.27
C VAL A 422 -14.36 -2.22 2.79
N ALA A 423 -13.44 -1.55 2.07
CA ALA A 423 -13.64 -1.35 0.63
C ALA A 423 -12.59 -2.23 -0.08
N THR A 424 -13.08 -3.26 -0.80
CA THR A 424 -12.20 -4.28 -1.32
C THR A 424 -12.73 -4.75 -2.67
N GLY A 425 -12.11 -5.83 -3.15
CA GLY A 425 -12.39 -6.44 -4.39
C GLY A 425 -11.79 -7.84 -4.45
N ASN A 426 -11.45 -8.27 -5.66
CA ASN A 426 -10.94 -9.66 -5.94
C ASN A 426 -9.46 -9.82 -5.51
N TRP A 427 -9.24 -9.69 -4.21
CA TRP A 427 -7.97 -9.89 -3.52
C TRP A 427 -7.32 -11.22 -3.95
N GLY A 428 -6.09 -11.15 -4.51
CA GLY A 428 -5.26 -12.33 -4.79
C GLY A 428 -5.75 -13.18 -5.96
N CYS A 429 -6.68 -12.61 -6.75
CA CYS A 429 -7.21 -13.20 -7.99
C CYS A 429 -6.28 -12.69 -9.11
N GLY A 430 -6.47 -12.96 -10.39
CA GLY A 430 -5.33 -12.49 -11.31
C GLY A 430 -4.02 -13.29 -11.13
N ALA A 431 -2.85 -12.64 -11.04
CA ALA A 431 -1.54 -13.39 -11.10
C ALA A 431 -1.45 -14.45 -10.00
N PHE A 432 -2.16 -14.23 -8.89
CA PHE A 432 -1.97 -15.05 -7.76
C PHE A 432 -2.86 -16.30 -7.81
N GLY A 433 -3.79 -16.41 -8.77
CA GLY A 433 -4.57 -17.68 -8.96
C GLY A 433 -5.73 -17.88 -7.98
N GLY A 434 -6.08 -16.84 -7.23
CA GLY A 434 -7.18 -16.87 -6.33
C GLY A 434 -8.53 -17.03 -7.04
N ASP A 435 -9.47 -17.74 -6.41
CA ASP A 435 -10.87 -17.85 -6.85
C ASP A 435 -11.68 -16.67 -6.29
N ALA A 436 -12.30 -15.87 -7.17
CA ALA A 436 -12.95 -14.65 -6.80
C ALA A 436 -14.11 -14.93 -5.82
N ARG A 437 -14.90 -15.99 -6.08
CA ARG A 437 -16.08 -16.30 -5.26
C ARG A 437 -15.62 -16.81 -3.89
N LEU A 438 -14.56 -17.62 -3.86
CA LEU A 438 -13.99 -18.03 -2.59
C LEU A 438 -13.44 -16.81 -1.85
N LYS A 439 -12.58 -16.00 -2.50
CA LYS A 439 -12.01 -14.86 -1.80
C LYS A 439 -13.07 -13.83 -1.35
N ALA A 440 -14.16 -13.68 -2.09
CA ALA A 440 -15.18 -12.77 -1.67
C ALA A 440 -15.74 -13.26 -0.35
N LEU A 441 -16.04 -14.56 -0.26
CA LEU A 441 -16.63 -15.09 0.92
C LEU A 441 -15.63 -15.02 2.06
N ILE A 442 -14.35 -15.31 1.75
CA ILE A 442 -13.34 -15.23 2.80
C ILE A 442 -13.30 -13.79 3.40
N GLN A 443 -13.37 -12.77 2.55
CA GLN A 443 -13.30 -11.41 3.06
C GLN A 443 -14.58 -11.07 3.85
N ILE A 444 -15.74 -11.60 3.36
CA ILE A 444 -17.01 -11.40 4.06
C ILE A 444 -16.96 -12.01 5.46
N LEU A 445 -16.38 -13.20 5.60
CA LEU A 445 -16.24 -13.82 6.96
C LEU A 445 -15.28 -13.05 7.85
N ALA A 446 -14.12 -12.63 7.31
CA ALA A 446 -13.14 -11.86 8.05
C ALA A 446 -13.73 -10.54 8.58
N ALA A 447 -14.47 -9.82 7.73
CA ALA A 447 -15.03 -8.59 8.02
C ALA A 447 -16.08 -8.73 9.12
N ALA A 448 -16.90 -9.80 9.03
CA ALA A 448 -17.95 -10.05 10.00
C ALA A 448 -17.32 -10.30 11.39
N ALA A 449 -16.21 -11.03 11.40
CA ALA A 449 -15.56 -11.39 12.60
C ALA A 449 -14.92 -10.11 13.16
N ALA A 450 -14.51 -9.18 12.28
CA ALA A 450 -13.97 -7.87 12.75
C ALA A 450 -15.08 -6.83 12.99
N GLU A 451 -16.31 -7.22 12.70
CA GLU A 451 -17.48 -6.42 12.88
C GLU A 451 -17.46 -5.21 11.96
N ARG A 452 -17.14 -5.42 10.69
CA ARG A 452 -17.18 -4.37 9.73
C ARG A 452 -18.07 -4.80 8.57
N ASP A 453 -18.72 -3.80 7.97
CA ASP A 453 -19.44 -3.98 6.71
C ASP A 453 -18.42 -4.08 5.55
N VAL A 454 -18.90 -4.56 4.39
CA VAL A 454 -18.09 -4.80 3.17
C VAL A 454 -18.67 -4.05 1.98
N VAL A 455 -17.80 -3.28 1.31
CA VAL A 455 -18.08 -2.68 0.03
C VAL A 455 -17.15 -3.35 -1.01
N TYR A 456 -17.72 -4.02 -2.00
CA TYR A 456 -16.97 -4.95 -2.89
C TYR A 456 -17.10 -4.48 -4.33
N PHE A 457 -15.95 -4.29 -4.98
CA PHE A 457 -15.88 -3.74 -6.33
C PHE A 457 -15.43 -4.84 -7.28
N THR A 458 -16.26 -5.16 -8.29
CA THR A 458 -15.92 -6.25 -9.27
C THR A 458 -15.34 -5.72 -10.61
N PHE A 459 -15.18 -4.40 -10.79
CA PHE A 459 -14.39 -3.85 -11.94
C PHE A 459 -14.85 -4.43 -13.28
N GLY A 460 -16.13 -4.22 -13.58
CA GLY A 460 -16.72 -4.63 -14.89
C GLY A 460 -17.38 -6.01 -14.86
N ASP A 461 -17.15 -6.83 -13.84
CA ASP A 461 -17.64 -8.23 -13.87
C ASP A 461 -19.05 -8.28 -13.22
N SER A 462 -20.09 -8.07 -14.03
CA SER A 462 -21.43 -7.88 -13.51
C SER A 462 -22.01 -9.18 -12.96
N GLU A 463 -21.65 -10.31 -13.55
CA GLU A 463 -22.09 -11.64 -13.08
C GLU A 463 -21.53 -11.94 -11.68
N LEU A 464 -20.27 -11.61 -11.45
CA LEU A 464 -19.71 -11.86 -10.16
C LEU A 464 -20.44 -11.00 -9.13
N MET A 465 -20.83 -9.79 -9.52
CA MET A 465 -21.62 -8.92 -8.62
C MET A 465 -22.95 -9.61 -8.24
N ARG A 466 -23.77 -10.03 -9.22
CA ARG A 466 -24.98 -10.77 -8.91
C ARG A 466 -24.70 -11.95 -7.97
N ASP A 467 -23.66 -12.71 -8.26
CA ASP A 467 -23.30 -13.97 -7.58
C ASP A 467 -22.98 -13.75 -6.10
N ILE A 468 -22.16 -12.74 -5.82
CA ILE A 468 -21.73 -12.47 -4.48
C ILE A 468 -22.95 -11.97 -3.69
N TYR A 469 -23.69 -11.04 -4.30
CA TYR A 469 -24.90 -10.51 -3.72
C TYR A 469 -25.84 -11.65 -3.36
N SER A 470 -26.13 -12.54 -4.32
CA SER A 470 -27.16 -13.59 -4.14
C SER A 470 -26.74 -14.52 -3.00
N MET A 471 -25.44 -14.83 -2.94
CA MET A 471 -24.93 -15.73 -1.86
C MET A 471 -25.02 -15.02 -0.50
N HIS A 472 -24.57 -13.76 -0.48
CA HIS A 472 -24.61 -12.95 0.73
C HIS A 472 -26.02 -12.88 1.29
N ILE A 473 -26.99 -12.54 0.44
CA ILE A 473 -28.36 -12.37 1.02
C ILE A 473 -28.92 -13.75 1.42
N PHE A 474 -28.53 -14.82 0.72
CA PHE A 474 -28.97 -16.20 1.02
C PHE A 474 -28.54 -16.60 2.42
N LEU A 475 -27.29 -16.32 2.76
CA LEU A 475 -26.74 -16.78 4.02
C LEU A 475 -27.28 -15.90 5.16
N THR A 476 -27.41 -14.59 4.88
CA THR A 476 -27.96 -13.57 5.79
C THR A 476 -29.41 -13.92 6.14
N GLU A 477 -30.25 -14.14 5.11
CA GLU A 477 -31.66 -14.43 5.33
C GLU A 477 -31.83 -15.70 6.17
N ARG A 478 -30.92 -16.67 6.06
CA ARG A 478 -30.99 -17.92 6.85
C ARG A 478 -30.18 -17.84 8.13
N LYS A 479 -29.65 -16.65 8.38
CA LYS A 479 -28.97 -16.31 9.58
C LYS A 479 -27.83 -17.27 9.83
N LEU A 480 -27.10 -17.72 8.81
CA LEU A 480 -25.95 -18.49 9.17
C LEU A 480 -24.91 -17.57 9.82
N THR A 481 -24.18 -18.14 10.77
CA THR A 481 -23.04 -17.54 11.44
C THR A 481 -21.78 -17.69 10.57
N VAL A 482 -20.75 -16.90 10.93
CA VAL A 482 -19.38 -17.11 10.43
C VAL A 482 -19.00 -18.60 10.50
N GLY A 483 -19.17 -19.25 11.68
CA GLY A 483 -18.83 -20.68 11.84
C GLY A 483 -19.63 -21.60 10.93
N ASP A 484 -20.94 -21.32 10.79
CA ASP A 484 -21.80 -22.09 9.87
C ASP A 484 -21.18 -22.02 8.47
N VAL A 485 -20.76 -20.82 8.02
CA VAL A 485 -20.33 -20.67 6.64
C VAL A 485 -18.97 -21.37 6.49
N TYR A 486 -18.09 -21.22 7.49
CA TYR A 486 -16.81 -21.87 7.43
C TYR A 486 -16.95 -23.40 7.41
N LYS A 487 -17.87 -23.94 8.21
CA LYS A 487 -18.12 -25.41 8.17
C LYS A 487 -18.56 -25.85 6.76
N LEU A 488 -19.38 -25.03 6.13
CA LEU A 488 -19.74 -25.31 4.75
C LEU A 488 -18.50 -25.31 3.85
N LEU A 489 -17.57 -24.39 4.03
CA LEU A 489 -16.33 -24.37 3.25
C LEU A 489 -15.56 -25.69 3.46
N LEU A 490 -15.43 -26.18 4.70
CA LEU A 490 -14.81 -27.45 4.98
C LEU A 490 -15.51 -28.62 4.30
N ARG A 491 -16.84 -28.57 4.29
CA ARG A 491 -17.63 -29.59 3.62
C ARG A 491 -17.27 -29.54 2.14
N TYR A 492 -17.06 -28.35 1.61
CA TYR A 492 -16.80 -28.29 0.18
C TYR A 492 -15.47 -28.94 -0.09
N TYR A 493 -14.51 -28.60 0.76
CA TYR A 493 -13.21 -29.21 0.61
C TYR A 493 -13.32 -30.74 0.68
N ASN A 494 -13.94 -31.25 1.74
CA ASN A 494 -13.94 -32.70 2.06
C ASN A 494 -14.66 -33.51 0.96
N GLU A 495 -15.76 -33.00 0.40
CA GLU A 495 -16.61 -33.72 -0.55
C GLU A 495 -16.20 -33.47 -2.00
N GLU A 496 -15.70 -32.27 -2.34
CA GLU A 496 -15.53 -31.97 -3.78
C GLU A 496 -14.07 -31.75 -4.17
N CYS A 497 -13.18 -31.53 -3.20
CA CYS A 497 -11.82 -31.05 -3.53
C CYS A 497 -10.74 -32.07 -3.12
N ARG A 498 -10.79 -32.57 -1.89
CA ARG A 498 -9.71 -33.36 -1.31
C ARG A 498 -9.36 -34.59 -2.17
N ASN A 499 -10.35 -35.26 -2.78
CA ASN A 499 -10.09 -36.46 -3.49
C ASN A 499 -10.43 -36.25 -4.96
N CYS A 500 -10.47 -34.98 -5.35
CA CYS A 500 -10.83 -34.61 -6.69
C CYS A 500 -9.77 -35.13 -7.66
N SER A 501 -10.23 -35.61 -8.82
CA SER A 501 -9.36 -36.25 -9.79
C SER A 501 -8.61 -35.21 -10.64
N THR A 502 -9.26 -34.07 -10.93
CA THR A 502 -8.90 -33.20 -12.07
C THR A 502 -8.49 -31.80 -11.59
N PRO A 503 -8.01 -30.89 -12.48
CA PRO A 503 -7.65 -29.53 -12.08
C PRO A 503 -8.81 -28.78 -11.39
N GLY A 504 -10.01 -28.93 -11.95
CA GLY A 504 -11.22 -28.29 -11.43
C GLY A 504 -12.11 -29.33 -10.75
N PRO A 505 -12.91 -28.93 -9.72
CA PRO A 505 -13.80 -29.87 -9.04
C PRO A 505 -15.08 -30.04 -9.87
N ASP A 506 -15.82 -31.12 -9.58
CA ASP A 506 -17.10 -31.49 -10.21
C ASP A 506 -18.16 -30.39 -10.03
N ILE A 507 -18.30 -29.87 -8.82
CA ILE A 507 -19.31 -28.88 -8.54
C ILE A 507 -18.61 -27.62 -8.09
N LYS A 508 -19.13 -26.48 -8.53
CA LYS A 508 -18.59 -25.15 -8.05
C LYS A 508 -19.08 -24.81 -6.64
N LEU A 509 -18.31 -23.95 -5.97
CA LEU A 509 -18.46 -23.66 -4.54
C LEU A 509 -19.85 -23.14 -4.24
N TYR A 510 -20.27 -22.08 -4.94
CA TYR A 510 -21.49 -21.39 -4.52
C TYR A 510 -22.64 -22.36 -4.72
N PRO A 511 -22.71 -23.02 -5.88
CA PRO A 511 -23.77 -24.02 -6.07
C PRO A 511 -23.76 -25.11 -5.00
N PHE A 512 -22.57 -25.56 -4.60
CA PHE A 512 -22.43 -26.53 -3.53
C PHE A 512 -23.08 -26.01 -2.23
N ILE A 513 -22.83 -24.74 -1.90
CA ILE A 513 -23.32 -24.15 -0.67
C ILE A 513 -24.84 -24.06 -0.71
N TYR A 514 -25.40 -23.56 -1.82
CA TYR A 514 -26.83 -23.45 -1.92
C TYR A 514 -27.47 -24.86 -1.71
N HIS A 515 -26.94 -25.88 -2.36
CA HIS A 515 -27.55 -27.16 -2.31
C HIS A 515 -27.50 -27.71 -0.89
N ALA A 516 -26.35 -27.55 -0.27
CA ALA A 516 -26.08 -28.02 1.10
C ALA A 516 -27.02 -27.37 2.10
N VAL A 517 -27.34 -26.08 1.95
CA VAL A 517 -28.12 -25.42 2.98
C VAL A 517 -29.60 -25.72 2.69
N GLU A 518 -29.98 -25.66 1.42
CA GLU A 518 -31.37 -25.93 1.00
C GLU A 518 -31.72 -27.41 1.27
N SER A 519 -30.74 -28.31 1.30
CA SER A 519 -30.92 -29.73 1.60
C SER A 519 -31.13 -29.98 3.09
N CYS A 520 -30.77 -29.01 3.93
CA CYS A 520 -30.63 -29.27 5.34
C CYS A 520 -31.52 -28.30 6.12
O1 M0V B . -8.57 -1.26 -8.95
C4 M0V B . -8.75 -1.93 -10.04
N M0V B . -9.09 -1.19 -11.24
C M0V B . -9.17 0.30 -11.21
N1 M0V B . -8.68 -3.37 -10.09
C5 M0V B . -8.37 -4.22 -8.91
C3 M0V B . -8.90 -4.13 -11.32
O M0V B . -8.88 -5.39 -11.41
C2 M0V B . -9.22 -3.37 -12.55
N2 M0V B . -9.45 -3.79 -13.80
C6 M0V B . -9.69 -2.64 -14.48
N3 M0V B . -9.60 -1.52 -13.66
C1 M0V B . -9.30 -1.91 -12.43
C7 M0V B . -9.45 -5.16 -14.38
C8 M0V B . -10.81 -5.81 -14.55
O3 M0V B . -11.71 -4.77 -15.06
C9 M0V B . -10.72 -7.08 -15.46
N4 M0V B . -11.98 -7.89 -15.49
C13 M0V B . -12.96 -7.42 -16.51
C12 M0V B . -14.31 -8.16 -16.41
O2 M0V B . -14.23 -9.53 -15.96
C11 M0V B . -12.94 -10.19 -16.09
C10 M0V B . -11.68 -9.34 -15.73
#